data_4X30
#
_entry.id   4X30
#
_cell.length_a   65.460
_cell.length_b   65.460
_cell.length_c   202.710
_cell.angle_alpha   90.00
_cell.angle_beta   90.00
_cell.angle_gamma   90.00
#
_symmetry.space_group_name_H-M   'P 43 21 2'
#
loop_
_entity.id
_entity.type
_entity.pdbx_description
1 polymer 'Thyroxine-binding globulin'
2 non-polymer "3,5,3',5'-TETRAIODO-L-THYRONINE"
3 non-polymer GLYCEROL
4 non-polymer 'FLUORIDE ION'
5 non-polymer 1,2-ETHANEDIOL
6 non-polymer 'SODIUM ION'
7 water water
#
_entity_poly.entity_id   1
_entity_poly.type   'polypeptide(L)'
_entity_poly.pdbx_seq_one_letter_code
;ASPEGKVTACHSSQPNATLYKMSSINADFAFNLYRRFTVETPDKNIFFSPVSISAALVMLSFGACCSTQTEIVETLGFNL
TDTPMVEIQHGFQHLICSLNFPKKELELQIGNALFIGKHLKPLAKFLNDVKTLYETEVFSTDFSNISAAKQEINSHVEMQ
TKGKVVGLIQDLKPNTIMVLVNYIHFKAQWANPFDPSKTEDSSSFLIDKTTTVQVPMMHQMEQYYHLVDMELNCTVLQMD
YSKNALALFVLPKEGQMESVEAAMSSKTLKKWNRLLQKGWVDLFVPKFSISATYDLGATLLKMGIQHAYSENADFSGLTE
DNGLKLSNAAHKAVLHIGEKGTEAAAVPEVELSDQPENTFLHPIIQIDRSFMLLILERSTRSILFLGKVVNPTEA
;
_entity_poly.pdbx_strand_id   A
#
# COMPACT_ATOMS: atom_id res chain seq x y z
N ALA A 17 -2.93 -19.93 10.83
CA ALA A 17 -1.48 -20.27 10.63
C ALA A 17 -0.85 -19.63 9.38
N THR A 18 -1.49 -19.84 8.23
CA THR A 18 -1.04 -19.27 6.97
C THR A 18 -1.03 -17.77 7.04
N LEU A 19 -2.04 -17.19 7.67
CA LEU A 19 -2.05 -15.74 7.90
C LEU A 19 -0.80 -15.26 8.63
N TYR A 20 -0.36 -16.03 9.63
CA TYR A 20 0.88 -15.68 10.34
C TYR A 20 2.15 -15.72 9.43
N LYS A 21 2.31 -16.78 8.65
CA LYS A 21 3.44 -16.91 7.72
C LYS A 21 3.43 -15.80 6.67
N MET A 22 2.23 -15.45 6.22
CA MET A 22 2.06 -14.45 5.18
C MET A 22 2.57 -13.09 5.60
N SER A 23 2.48 -12.75 6.88
CA SER A 23 2.81 -11.37 7.28
C SER A 23 4.25 -11.00 6.95
N SER A 24 5.20 -11.85 7.33
N SER A 24 5.22 -11.84 7.33
CA SER A 24 6.62 -11.61 7.06
CA SER A 24 6.62 -11.54 7.04
C SER A 24 6.92 -11.63 5.57
C SER A 24 6.91 -11.61 5.54
N ILE A 25 6.32 -12.57 4.85
CA ILE A 25 6.52 -12.67 3.40
C ILE A 25 5.95 -11.44 2.69
N ASN A 26 4.74 -11.04 3.05
CA ASN A 26 4.13 -9.87 2.44
C ASN A 26 4.92 -8.58 2.75
N ALA A 27 5.49 -8.50 3.94
CA ALA A 27 6.29 -7.33 4.32
C ALA A 27 7.58 -7.28 3.52
N ASP A 28 8.27 -8.43 3.40
CA ASP A 28 9.48 -8.43 2.59
C ASP A 28 9.21 -8.08 1.12
N PHE A 29 8.06 -8.52 0.60
CA PHE A 29 7.67 -8.15 -0.76
C PHE A 29 7.45 -6.63 -0.83
N ALA A 30 6.79 -6.08 0.16
CA ALA A 30 6.57 -4.64 0.22
C ALA A 30 7.88 -3.87 0.09
N PHE A 31 8.88 -4.26 0.86
CA PHE A 31 10.13 -3.52 0.88
C PHE A 31 10.93 -3.77 -0.38
N ASN A 32 10.86 -4.99 -0.93
CA ASN A 32 11.56 -5.23 -2.19
C ASN A 32 10.95 -4.45 -3.36
N LEU A 33 9.63 -4.40 -3.39
CA LEU A 33 8.94 -3.61 -4.41
C LEU A 33 9.25 -2.11 -4.23
N TYR A 34 9.23 -1.65 -2.98
CA TYR A 34 9.59 -0.28 -2.67
C TYR A 34 10.98 0.04 -3.24
N ARG A 35 11.94 -0.84 -3.02
CA ARG A 35 13.30 -0.60 -3.50
C ARG A 35 13.32 -0.56 -5.04
N ARG A 36 12.51 -1.39 -5.70
CA ARG A 36 12.41 -1.32 -7.16
C ARG A 36 11.93 0.07 -7.59
N PHE A 37 10.96 0.62 -6.87
CA PHE A 37 10.45 1.95 -7.15
C PHE A 37 11.49 3.04 -6.96
N THR A 38 12.36 2.91 -5.96
CA THR A 38 13.42 3.91 -5.77
C THR A 38 14.36 3.94 -6.98
N VAL A 39 14.59 2.80 -7.62
N VAL A 39 14.60 2.77 -7.58
CA VAL A 39 15.50 2.79 -8.76
CA VAL A 39 15.45 2.67 -8.77
C VAL A 39 14.80 3.21 -10.06
C VAL A 39 14.76 3.38 -9.92
N GLU A 40 13.48 3.05 -10.12
CA GLU A 40 12.70 3.60 -11.23
C GLU A 40 12.58 5.11 -11.14
N THR A 41 12.31 5.63 -9.93
CA THR A 41 12.17 7.07 -9.71
C THR A 41 12.97 7.52 -8.48
N PRO A 42 14.28 7.75 -8.67
CA PRO A 42 15.11 8.20 -7.58
C PRO A 42 14.67 9.57 -7.05
N ASP A 43 14.73 9.73 -5.73
CA ASP A 43 14.45 10.99 -5.04
C ASP A 43 13.10 11.60 -5.35
N LYS A 44 12.08 10.73 -5.49
CA LYS A 44 10.70 11.18 -5.68
C LYS A 44 9.78 10.45 -4.70
N ASN A 45 8.63 11.06 -4.42
CA ASN A 45 7.62 10.47 -3.55
C ASN A 45 7.27 9.08 -4.05
N ILE A 46 7.12 8.16 -3.10
CA ILE A 46 6.68 6.80 -3.36
C ILE A 46 5.52 6.55 -2.42
N PHE A 47 4.44 5.95 -2.90
CA PHE A 47 3.33 5.66 -2.02
C PHE A 47 2.41 4.61 -2.62
N PHE A 48 2.30 3.47 -1.95
CA PHE A 48 1.51 2.38 -2.49
C PHE A 48 0.98 1.51 -1.36
N SER A 49 0.07 0.60 -1.69
CA SER A 49 -0.52 -0.34 -0.73
C SER A 49 0.03 -1.74 -0.99
N PRO A 50 1.05 -2.14 -0.23
CA PRO A 50 1.63 -3.45 -0.47
C PRO A 50 0.61 -4.60 -0.36
N VAL A 51 -0.16 -4.64 0.72
CA VAL A 51 -1.02 -5.81 0.94
C VAL A 51 -2.07 -5.90 -0.18
N SER A 52 -2.52 -4.74 -0.68
CA SER A 52 -3.49 -4.76 -1.77
C SER A 52 -2.86 -5.31 -3.04
N ILE A 53 -1.60 -4.96 -3.32
CA ILE A 53 -0.89 -5.53 -4.48
C ILE A 53 -0.73 -7.04 -4.33
N SER A 54 -0.27 -7.49 -3.17
CA SER A 54 -0.08 -8.91 -2.92
C SER A 54 -1.39 -9.67 -3.17
N ALA A 55 -2.49 -9.18 -2.61
CA ALA A 55 -3.76 -9.86 -2.70
C ALA A 55 -4.26 -9.94 -4.14
N ALA A 56 -4.12 -8.84 -4.86
CA ALA A 56 -4.53 -8.77 -6.26
C ALA A 56 -3.77 -9.78 -7.10
N LEU A 57 -2.47 -9.90 -6.86
CA LEU A 57 -1.69 -10.84 -7.63
C LEU A 57 -1.97 -12.29 -7.23
N VAL A 58 -2.26 -12.56 -5.96
CA VAL A 58 -2.77 -13.89 -5.63
C VAL A 58 -4.08 -14.21 -6.36
N MET A 59 -4.99 -13.24 -6.42
CA MET A 59 -6.22 -13.46 -7.17
C MET A 59 -5.91 -13.80 -8.62
N LEU A 60 -5.05 -13.03 -9.25
CA LEU A 60 -4.70 -13.29 -10.65
C LEU A 60 -4.15 -14.70 -10.81
N SER A 61 -3.32 -15.09 -9.86
CA SER A 61 -2.67 -16.41 -9.89
C SER A 61 -3.68 -17.55 -9.80
N PHE A 62 -4.84 -17.28 -9.20
CA PHE A 62 -5.88 -18.28 -9.03
C PHE A 62 -6.42 -18.77 -10.39
N GLY A 63 -6.36 -17.91 -11.40
CA GLY A 63 -6.76 -18.27 -12.76
C GLY A 63 -5.64 -18.78 -13.66
N ALA A 64 -4.40 -18.74 -13.15
CA ALA A 64 -3.23 -19.16 -13.92
C ALA A 64 -2.89 -20.61 -13.62
N CYS A 65 -2.11 -21.24 -14.51
CA CYS A 65 -1.62 -22.60 -14.26
C CYS A 65 -0.12 -22.71 -14.55
N CYS A 66 0.48 -23.76 -14.00
CA CYS A 66 1.85 -24.11 -14.31
C CYS A 66 2.77 -22.94 -13.97
N SER A 67 3.79 -22.69 -14.80
CA SER A 67 4.78 -21.66 -14.47
C SER A 67 4.19 -20.25 -14.42
N THR A 68 3.11 -20.02 -15.15
CA THR A 68 2.45 -18.71 -15.10
C THR A 68 2.00 -18.43 -13.67
N GLN A 69 1.47 -19.47 -13.03
CA GLN A 69 0.96 -19.36 -11.66
C GLN A 69 2.08 -19.31 -10.63
N THR A 70 3.03 -20.21 -10.76
CA THR A 70 4.08 -20.32 -9.74
C THR A 70 5.00 -19.09 -9.75
N GLU A 71 5.24 -18.52 -10.93
CA GLU A 71 5.98 -17.26 -11.02
C GLU A 71 5.35 -16.15 -10.19
N ILE A 72 4.03 -16.04 -10.24
CA ILE A 72 3.36 -14.97 -9.51
C ILE A 72 3.56 -15.13 -8.01
N VAL A 73 3.28 -16.31 -7.48
CA VAL A 73 3.37 -16.47 -6.03
C VAL A 73 4.81 -16.48 -5.54
N GLU A 74 5.76 -16.94 -6.38
CA GLU A 74 7.16 -16.90 -5.97
C GLU A 74 7.70 -15.46 -5.99
N THR A 75 7.25 -14.67 -6.96
CA THR A 75 7.61 -13.26 -7.01
C THR A 75 7.07 -12.52 -5.78
N LEU A 76 5.89 -12.95 -5.30
CA LEU A 76 5.34 -12.38 -4.04
C LEU A 76 6.10 -12.80 -2.78
N GLY A 77 7.02 -13.74 -2.91
CA GLY A 77 7.93 -14.13 -1.82
C GLY A 77 7.64 -15.50 -1.22
N PHE A 78 6.66 -16.20 -1.76
CA PHE A 78 6.28 -17.51 -1.19
C PHE A 78 7.14 -18.67 -1.68
N ASN A 79 7.37 -19.61 -0.78
N ASN A 79 7.34 -19.62 -0.78
CA ASN A 79 8.04 -20.86 -1.08
CA ASN A 79 8.05 -20.87 -1.07
C ASN A 79 6.98 -21.95 -1.06
C ASN A 79 7.02 -22.00 -1.05
N LEU A 80 6.73 -22.57 -2.23
CA LEU A 80 5.64 -23.53 -2.37
C LEU A 80 5.87 -24.84 -1.61
N THR A 81 7.11 -25.12 -1.23
CA THR A 81 7.39 -26.22 -0.31
C THR A 81 6.83 -25.90 1.09
N ASP A 82 7.04 -24.68 1.57
CA ASP A 82 6.57 -24.25 2.89
C ASP A 82 5.06 -24.02 2.98
N THR A 83 4.54 -23.30 1.99
CA THR A 83 3.11 -22.95 1.92
C THR A 83 2.60 -23.38 0.56
N PRO A 84 1.95 -24.55 0.50
CA PRO A 84 1.38 -25.04 -0.74
C PRO A 84 0.43 -24.05 -1.39
N MET A 85 0.27 -24.18 -2.70
CA MET A 85 -0.50 -23.20 -3.46
C MET A 85 -1.91 -23.00 -2.91
N VAL A 86 -2.63 -24.08 -2.63
CA VAL A 86 -3.99 -23.97 -2.10
C VAL A 86 -4.02 -23.28 -0.73
N GLU A 87 -3.00 -23.52 0.10
CA GLU A 87 -2.88 -22.82 1.38
C GLU A 87 -2.70 -21.32 1.19
N ILE A 88 -1.92 -20.92 0.19
CA ILE A 88 -1.72 -19.49 -0.08
C ILE A 88 -3.07 -18.92 -0.51
N GLN A 89 -3.74 -19.61 -1.42
CA GLN A 89 -5.00 -19.11 -1.95
C GLN A 89 -6.00 -18.90 -0.83
N HIS A 90 -6.09 -19.88 0.08
CA HIS A 90 -7.05 -19.78 1.19
C HIS A 90 -6.58 -18.81 2.28
N GLY A 91 -5.27 -18.68 2.47
CA GLY A 91 -4.75 -17.71 3.40
C GLY A 91 -5.13 -16.30 2.99
N PHE A 92 -5.08 -16.02 1.70
CA PHE A 92 -5.46 -14.69 1.22
C PHE A 92 -6.98 -14.45 1.28
N GLN A 93 -7.77 -15.51 1.10
CA GLN A 93 -9.21 -15.42 1.34
C GLN A 93 -9.44 -14.98 2.78
N HIS A 94 -8.79 -15.65 3.74
CA HIS A 94 -8.94 -15.31 5.14
C HIS A 94 -8.46 -13.86 5.41
N LEU A 95 -7.36 -13.49 4.80
CA LEU A 95 -6.83 -12.14 4.98
C LEU A 95 -7.82 -11.06 4.54
N ILE A 96 -8.38 -11.22 3.35
CA ILE A 96 -9.31 -10.24 2.81
C ILE A 96 -10.56 -10.18 3.67
N CYS A 97 -11.06 -11.35 4.05
CA CYS A 97 -12.23 -11.42 4.93
C CYS A 97 -11.97 -10.64 6.22
N SER A 98 -10.79 -10.84 6.79
CA SER A 98 -10.42 -10.20 8.05
C SER A 98 -10.29 -8.69 7.91
N LEU A 99 -9.50 -8.25 6.93
CA LEU A 99 -9.28 -6.83 6.73
C LEU A 99 -10.58 -6.09 6.40
N ASN A 100 -11.43 -6.71 5.59
CA ASN A 100 -12.61 -6.02 5.07
C ASN A 100 -13.83 -6.11 5.97
N PHE A 101 -13.74 -6.87 7.06
CA PHE A 101 -14.86 -7.03 7.98
C PHE A 101 -15.23 -5.67 8.57
N PRO A 102 -16.53 -5.31 8.58
CA PRO A 102 -16.94 -4.01 9.11
C PRO A 102 -16.55 -3.82 10.59
N LYS A 103 -15.97 -2.66 10.90
CA LYS A 103 -15.49 -2.34 12.24
C LYS A 103 -15.93 -0.91 12.53
N LYS A 104 -16.38 -0.66 13.76
CA LYS A 104 -16.70 0.68 14.18
C LYS A 104 -15.43 1.54 14.24
N GLU A 105 -15.54 2.79 13.81
CA GLU A 105 -14.45 3.76 13.81
C GLU A 105 -13.32 3.48 12.82
N LEU A 106 -13.47 2.46 11.98
CA LEU A 106 -12.47 2.16 10.96
C LEU A 106 -13.19 1.71 9.70
N GLU A 107 -12.87 2.33 8.56
CA GLU A 107 -13.29 1.79 7.27
C GLU A 107 -12.02 1.30 6.59
N LEU A 108 -12.05 0.04 6.17
CA LEU A 108 -10.90 -0.61 5.54
C LEU A 108 -11.41 -1.63 4.55
N GLN A 109 -11.08 -1.43 3.27
CA GLN A 109 -11.42 -2.40 2.25
C GLN A 109 -10.28 -2.50 1.28
N ILE A 110 -9.73 -3.68 1.11
CA ILE A 110 -8.82 -3.88 0.00
C ILE A 110 -9.60 -4.56 -1.10
N GLY A 111 -9.28 -4.19 -2.33
CA GLY A 111 -10.00 -4.75 -3.44
C GLY A 111 -9.25 -4.70 -4.74
N ASN A 112 -9.82 -5.40 -5.70
CA ASN A 112 -9.21 -5.53 -7.00
C ASN A 112 -10.26 -5.90 -8.04
N ALA A 113 -9.86 -5.80 -9.30
CA ALA A 113 -10.78 -6.12 -10.40
C ALA A 113 -9.98 -6.43 -11.62
N LEU A 114 -10.60 -7.15 -12.55
CA LEU A 114 -10.04 -7.43 -13.86
C LEU A 114 -10.96 -6.88 -14.93
N PHE A 115 -10.36 -6.32 -15.97
CA PHE A 115 -11.05 -5.81 -17.15
C PHE A 115 -10.46 -6.56 -18.33
N ILE A 116 -11.31 -7.31 -19.02
CA ILE A 116 -10.87 -8.23 -20.05
C ILE A 116 -11.56 -7.94 -21.37
N GLY A 117 -10.77 -7.93 -22.43
CA GLY A 117 -11.29 -7.65 -23.77
C GLY A 117 -12.51 -8.50 -24.07
N LYS A 118 -13.51 -7.90 -24.69
CA LYS A 118 -14.82 -8.52 -24.79
C LYS A 118 -14.86 -9.80 -25.63
N HIS A 119 -13.88 -10.00 -26.50
CA HIS A 119 -13.78 -11.22 -27.30
C HIS A 119 -13.40 -12.47 -26.49
N LEU A 120 -12.92 -12.28 -25.26
CA LEU A 120 -12.54 -13.41 -24.40
C LEU A 120 -13.59 -13.62 -23.32
N LYS A 121 -13.96 -14.87 -23.09
CA LYS A 121 -15.01 -15.26 -22.17
C LYS A 121 -14.40 -15.93 -20.96
N PRO A 122 -14.47 -15.28 -19.78
CA PRO A 122 -13.97 -16.03 -18.61
C PRO A 122 -14.87 -17.21 -18.27
N LEU A 123 -14.26 -18.23 -17.67
CA LEU A 123 -15.00 -19.35 -17.10
C LEU A 123 -15.87 -18.89 -15.94
N ALA A 124 -17.13 -19.32 -15.93
CA ALA A 124 -18.05 -18.96 -14.86
C ALA A 124 -17.49 -19.38 -13.49
N LYS A 125 -16.88 -20.55 -13.41
CA LYS A 125 -16.35 -21.01 -12.13
C LYS A 125 -15.28 -20.06 -11.60
N PHE A 126 -14.41 -19.58 -12.48
CA PHE A 126 -13.40 -18.58 -12.09
C PHE A 126 -14.09 -17.34 -11.54
N LEU A 127 -15.08 -16.83 -12.28
CA LEU A 127 -15.75 -15.60 -11.87
C LEU A 127 -16.38 -15.74 -10.49
N ASN A 128 -17.07 -16.85 -10.29
CA ASN A 128 -17.76 -17.08 -9.05
C ASN A 128 -16.76 -17.33 -7.90
N ASP A 129 -15.71 -18.09 -8.17
CA ASP A 129 -14.67 -18.36 -7.17
C ASP A 129 -13.96 -17.10 -6.68
N VAL A 130 -13.51 -16.25 -7.60
CA VAL A 130 -12.76 -15.06 -7.15
C VAL A 130 -13.67 -14.02 -6.48
N LYS A 131 -14.94 -13.96 -6.87
CA LYS A 131 -15.86 -13.09 -6.14
C LYS A 131 -16.02 -13.62 -4.73
N THR A 132 -16.22 -14.92 -4.59
CA THR A 132 -16.43 -15.52 -3.29
C THR A 132 -15.18 -15.42 -2.40
N LEU A 133 -14.04 -15.75 -2.98
CA LEU A 133 -12.77 -15.79 -2.27
C LEU A 133 -12.19 -14.42 -1.98
N TYR A 134 -12.26 -13.53 -2.97
CA TYR A 134 -11.45 -12.30 -2.91
C TYR A 134 -12.27 -11.02 -3.13
N GLU A 135 -13.58 -11.16 -3.26
CA GLU A 135 -14.49 -10.04 -3.57
C GLU A 135 -14.25 -9.41 -4.95
N THR A 136 -13.53 -10.11 -5.81
CA THR A 136 -13.11 -9.55 -7.08
C THR A 136 -14.25 -9.45 -8.06
N GLU A 137 -14.35 -8.34 -8.78
CA GLU A 137 -15.27 -8.26 -9.90
CA GLU A 137 -15.28 -8.20 -9.88
C GLU A 137 -14.50 -8.22 -11.21
N VAL A 138 -15.13 -8.76 -12.24
CA VAL A 138 -14.48 -8.94 -13.52
C VAL A 138 -15.39 -8.39 -14.60
N PHE A 139 -14.84 -7.59 -15.50
CA PHE A 139 -15.66 -6.85 -16.44
C PHE A 139 -15.21 -7.15 -17.86
N SER A 140 -16.19 -7.17 -18.77
CA SER A 140 -15.94 -7.29 -20.21
C SER A 140 -15.81 -5.87 -20.77
N THR A 141 -14.70 -5.59 -21.43
CA THR A 141 -14.31 -4.24 -21.77
C THR A 141 -13.91 -4.18 -23.23
N ASP A 142 -14.30 -3.10 -23.92
CA ASP A 142 -13.87 -2.90 -25.30
C ASP A 142 -12.66 -2.00 -25.29
N PHE A 143 -11.48 -2.60 -25.44
CA PHE A 143 -10.24 -1.86 -25.37
C PHE A 143 -9.90 -1.13 -26.69
N SER A 144 -10.72 -1.27 -27.72
CA SER A 144 -10.53 -0.51 -28.97
C SER A 144 -10.82 0.98 -28.76
N ASN A 145 -11.57 1.29 -27.72
CA ASN A 145 -11.85 2.67 -27.33
C ASN A 145 -11.12 2.97 -26.02
N ILE A 146 -9.90 3.50 -26.12
CA ILE A 146 -9.01 3.69 -24.97
C ILE A 146 -9.55 4.67 -23.90
N SER A 147 -10.11 5.80 -24.33
CA SER A 147 -10.64 6.78 -23.38
C SER A 147 -11.84 6.24 -22.62
N ALA A 148 -12.70 5.50 -23.30
CA ALA A 148 -13.89 4.93 -22.69
C ALA A 148 -13.51 3.86 -21.66
N ALA A 149 -12.54 3.03 -22.04
CA ALA A 149 -12.06 1.94 -21.19
C ALA A 149 -11.44 2.49 -19.92
N LYS A 150 -10.61 3.53 -20.05
CA LYS A 150 -10.03 4.19 -18.89
C LYS A 150 -11.13 4.74 -17.96
N GLN A 151 -12.18 5.34 -18.51
CA GLN A 151 -13.26 5.88 -17.68
C GLN A 151 -14.03 4.78 -16.95
N GLU A 152 -14.26 3.65 -17.61
CA GLU A 152 -14.93 2.52 -17.00
C GLU A 152 -14.10 2.02 -15.83
N ILE A 153 -12.80 1.84 -16.06
CA ILE A 153 -11.91 1.35 -15.01
C ILE A 153 -11.88 2.33 -13.84
N ASN A 154 -11.61 3.60 -14.15
CA ASN A 154 -11.53 4.61 -13.11
C ASN A 154 -12.83 4.82 -12.32
N SER A 155 -13.98 4.77 -13.01
CA SER A 155 -15.25 4.85 -12.29
C SER A 155 -15.45 3.71 -11.31
N HIS A 156 -15.03 2.51 -11.71
CA HIS A 156 -15.17 1.37 -10.82
C HIS A 156 -14.37 1.63 -9.57
N VAL A 157 -13.11 2.04 -9.76
CA VAL A 157 -12.20 2.26 -8.63
C VAL A 157 -12.72 3.40 -7.74
N GLU A 158 -13.19 4.49 -8.37
N GLU A 158 -13.17 4.48 -8.37
CA GLU A 158 -13.68 5.63 -7.59
CA GLU A 158 -13.71 5.62 -7.62
C GLU A 158 -14.89 5.24 -6.75
C GLU A 158 -14.87 5.19 -6.73
N MET A 159 -15.80 4.44 -7.30
CA MET A 159 -16.93 3.94 -6.56
C MET A 159 -16.52 2.99 -5.40
N GLN A 160 -15.62 2.07 -5.69
CA GLN A 160 -15.16 1.12 -4.67
C GLN A 160 -14.40 1.80 -3.54
N THR A 161 -13.82 2.98 -3.79
CA THR A 161 -13.06 3.72 -2.78
C THR A 161 -13.86 4.92 -2.26
N LYS A 162 -15.19 4.83 -2.32
CA LYS A 162 -16.09 5.90 -1.87
C LYS A 162 -15.61 7.29 -2.36
N GLY A 163 -15.13 7.33 -3.59
CA GLY A 163 -14.66 8.55 -4.23
C GLY A 163 -13.24 9.04 -3.99
N LYS A 164 -12.47 8.34 -3.13
CA LYS A 164 -11.14 8.85 -2.75
C LYS A 164 -10.03 8.63 -3.79
N VAL A 165 -10.07 7.51 -4.51
CA VAL A 165 -9.06 7.24 -5.55
C VAL A 165 -9.60 7.51 -6.96
N VAL A 166 -9.17 8.63 -7.51
CA VAL A 166 -9.69 9.18 -8.77
C VAL A 166 -8.59 9.08 -9.82
N GLY A 167 -8.95 8.62 -11.02
CA GLY A 167 -7.98 8.49 -12.10
C GLY A 167 -6.87 7.48 -11.84
N LEU A 168 -7.21 6.34 -11.24
CA LEU A 168 -6.21 5.29 -10.95
C LEU A 168 -5.40 4.89 -12.18
N ILE A 169 -6.04 4.80 -13.34
CA ILE A 169 -5.35 4.36 -14.55
C ILE A 169 -5.23 5.52 -15.53
N GLN A 170 -4.05 5.66 -16.12
CA GLN A 170 -3.71 6.82 -16.93
C GLN A 170 -3.22 6.46 -18.33
N ASP A 171 -2.61 5.29 -18.49
CA ASP A 171 -2.09 4.87 -19.78
C ASP A 171 -2.51 3.45 -20.14
N LEU A 172 -3.01 3.31 -21.37
CA LEU A 172 -3.23 2.01 -22.00
C LEU A 172 -2.76 2.06 -23.45
N LYS A 173 -2.00 1.05 -23.84
CA LYS A 173 -1.53 0.90 -25.21
C LYS A 173 -2.66 0.29 -26.05
N PRO A 174 -2.60 0.45 -27.39
CA PRO A 174 -3.53 -0.32 -28.20
C PRO A 174 -3.35 -1.82 -28.00
N ASN A 175 -4.34 -2.60 -28.39
CA ASN A 175 -4.27 -4.05 -28.27
C ASN A 175 -4.16 -4.50 -26.81
N THR A 176 -4.67 -3.69 -25.89
CA THR A 176 -4.81 -4.12 -24.50
C THR A 176 -5.74 -5.32 -24.44
N ILE A 177 -5.37 -6.33 -23.66
CA ILE A 177 -6.13 -7.55 -23.55
C ILE A 177 -6.76 -7.71 -22.15
N MET A 178 -5.96 -7.57 -21.09
CA MET A 178 -6.46 -7.67 -19.73
C MET A 178 -5.76 -6.68 -18.82
N VAL A 179 -6.55 -5.98 -18.00
CA VAL A 179 -6.02 -5.04 -17.02
C VAL A 179 -6.44 -5.52 -15.63
N LEU A 180 -5.45 -5.65 -14.76
CA LEU A 180 -5.64 -5.84 -13.33
C LEU A 180 -5.55 -4.48 -12.64
N VAL A 181 -6.48 -4.19 -11.74
CA VAL A 181 -6.34 -3.02 -10.89
C VAL A 181 -6.48 -3.44 -9.45
N ASN A 182 -5.85 -2.67 -8.57
CA ASN A 182 -5.97 -2.91 -7.16
C ASN A 182 -5.92 -1.61 -6.39
N TYR A 183 -6.64 -1.59 -5.26
CA TYR A 183 -6.85 -0.36 -4.52
C TYR A 183 -7.11 -0.68 -3.05
N ILE A 184 -7.21 0.38 -2.27
CA ILE A 184 -7.52 0.25 -0.86
C ILE A 184 -8.34 1.46 -0.45
N HIS A 185 -9.40 1.21 0.30
CA HIS A 185 -10.16 2.28 0.92
C HIS A 185 -9.81 2.29 2.42
N PHE A 186 -9.48 3.45 2.98
CA PHE A 186 -9.05 3.56 4.39
C PHE A 186 -9.53 4.87 4.98
N LYS A 187 -10.27 4.77 6.08
CA LYS A 187 -10.73 5.92 6.84
C LYS A 187 -10.53 5.58 8.30
N ALA A 188 -9.76 6.42 9.01
CA ALA A 188 -9.42 6.16 10.39
C ALA A 188 -9.13 7.45 11.14
N GLN A 189 -9.20 7.35 12.47
N GLN A 189 -9.20 7.38 12.46
CA GLN A 189 -9.00 8.46 13.37
CA GLN A 189 -8.93 8.56 13.28
C GLN A 189 -7.79 8.18 14.25
C GLN A 189 -7.83 8.22 14.27
N TRP A 190 -6.97 9.20 14.54
CA TRP A 190 -5.87 9.01 15.50
C TRP A 190 -6.44 8.67 16.87
N ALA A 191 -5.78 7.79 17.59
CA ALA A 191 -6.07 7.58 19.01
C ALA A 191 -5.96 8.91 19.76
N ASN A 192 -4.95 9.70 19.42
CA ASN A 192 -4.68 10.99 20.06
C ASN A 192 -4.71 12.08 18.98
N PRO A 193 -5.90 12.67 18.73
CA PRO A 193 -5.98 13.70 17.68
C PRO A 193 -5.20 14.95 18.06
N PHE A 194 -4.76 15.67 17.05
CA PHE A 194 -4.07 16.93 17.27
C PHE A 194 -5.07 18.06 17.50
N ASP A 195 -4.66 19.01 18.33
CA ASP A 195 -5.43 20.23 18.58
C ASP A 195 -5.16 21.17 17.42
N PRO A 196 -6.17 21.49 16.60
CA PRO A 196 -5.93 22.36 15.44
C PRO A 196 -5.45 23.77 15.80
N SER A 197 -5.70 24.22 17.03
CA SER A 197 -5.17 25.51 17.47
C SER A 197 -3.63 25.52 17.61
N LYS A 198 -3.01 24.34 17.68
CA LYS A 198 -1.55 24.22 17.77
C LYS A 198 -0.86 24.02 16.43
N THR A 199 -1.64 23.88 15.36
CA THR A 199 -1.09 23.68 14.03
C THR A 199 -0.51 24.98 13.49
N GLU A 200 0.76 24.95 13.11
CA GLU A 200 1.48 26.12 12.60
C GLU A 200 1.57 26.10 11.09
N ASP A 201 1.14 27.17 10.43
CA ASP A 201 1.25 27.23 8.98
C ASP A 201 2.66 27.59 8.56
N SER A 202 2.95 27.31 7.30
CA SER A 202 4.23 27.64 6.69
C SER A 202 5.43 27.37 7.59
N SER A 203 5.58 26.12 8.01
CA SER A 203 6.81 25.66 8.64
C SER A 203 7.72 25.15 7.54
N SER A 204 9.04 25.27 7.74
CA SER A 204 10.02 24.84 6.73
C SER A 204 10.20 23.32 6.77
N PHE A 205 10.17 22.71 5.59
CA PHE A 205 10.36 21.27 5.44
C PHE A 205 11.42 21.09 4.36
N LEU A 206 12.52 20.41 4.70
CA LEU A 206 13.60 20.17 3.75
C LEU A 206 13.25 19.01 2.82
N ILE A 207 13.16 19.29 1.52
CA ILE A 207 12.89 18.27 0.51
C ILE A 207 14.17 17.75 -0.15
N ASP A 208 15.28 18.46 0.10
CA ASP A 208 16.61 17.95 -0.22
C ASP A 208 17.61 18.74 0.63
N LYS A 209 18.91 18.54 0.38
CA LYS A 209 19.97 19.18 1.17
C LYS A 209 19.72 20.67 1.43
N THR A 210 19.29 21.39 0.41
CA THR A 210 19.21 22.85 0.47
C THR A 210 17.84 23.47 0.20
N THR A 211 16.89 22.69 -0.27
CA THR A 211 15.60 23.22 -0.69
C THR A 211 14.54 22.98 0.37
N THR A 212 13.75 24.02 0.67
CA THR A 212 12.66 23.87 1.61
C THR A 212 11.33 24.15 0.94
N VAL A 213 10.28 23.55 1.48
CA VAL A 213 8.91 23.86 1.13
C VAL A 213 8.23 24.26 2.43
N GLN A 214 7.08 24.91 2.29
CA GLN A 214 6.30 25.34 3.42
C GLN A 214 5.12 24.42 3.56
N VAL A 215 4.87 23.96 4.79
CA VAL A 215 3.81 23.01 5.08
C VAL A 215 3.21 23.33 6.44
N PRO A 216 1.91 23.05 6.64
CA PRO A 216 1.42 23.20 8.00
C PRO A 216 2.01 22.12 8.90
N MET A 217 2.33 22.48 10.12
CA MET A 217 2.97 21.55 11.05
C MET A 217 2.10 21.41 12.30
N MET A 218 1.57 20.19 12.47
CA MET A 218 0.75 19.88 13.61
C MET A 218 1.68 19.65 14.80
N HIS A 219 1.16 19.82 16.00
CA HIS A 219 1.99 19.82 17.19
C HIS A 219 1.23 19.26 18.39
N GLN A 220 1.78 18.22 18.99
CA GLN A 220 1.15 17.60 20.15
C GLN A 220 2.22 17.09 21.11
N MET A 221 2.00 17.33 22.40
CA MET A 221 2.84 16.79 23.45
C MET A 221 2.12 15.60 24.03
N GLU A 222 2.62 14.40 23.78
CA GLU A 222 1.93 13.21 24.24
C GLU A 222 2.92 12.07 24.35
N GLN A 223 2.48 10.95 24.91
N GLN A 223 2.48 10.94 24.91
CA GLN A 223 3.32 9.75 25.05
CA GLN A 223 3.33 9.77 25.00
C GLN A 223 3.18 8.86 23.81
C GLN A 223 3.17 8.91 23.76
N TYR A 224 4.30 8.53 23.20
CA TYR A 224 4.34 7.74 21.97
C TYR A 224 5.41 6.70 22.11
N TYR A 225 5.17 5.53 21.55
CA TYR A 225 6.25 4.60 21.30
C TYR A 225 7.22 5.15 20.24
N HIS A 226 8.50 5.05 20.52
CA HIS A 226 9.51 5.58 19.61
C HIS A 226 10.83 4.90 19.91
N LEU A 227 11.77 5.03 18.98
CA LEU A 227 13.12 4.56 19.20
C LEU A 227 14.09 5.30 18.32
N VAL A 228 15.34 5.29 18.76
CA VAL A 228 16.44 5.75 17.96
C VAL A 228 17.24 4.51 17.60
N ASP A 229 17.29 4.21 16.29
CA ASP A 229 17.96 3.02 15.82
C ASP A 229 19.40 3.38 15.49
N MET A 230 20.33 2.86 16.29
CA MET A 230 21.74 3.19 16.20
C MET A 230 22.44 2.48 15.05
N GLU A 231 21.87 1.37 14.60
CA GLU A 231 22.42 0.60 13.50
C GLU A 231 22.00 1.24 12.18
N LEU A 232 20.73 1.58 12.05
CA LEU A 232 20.19 2.08 10.79
C LEU A 232 20.18 3.60 10.71
N ASN A 233 20.52 4.27 11.82
CA ASN A 233 20.63 5.71 11.87
C ASN A 233 19.35 6.44 11.49
N CYS A 234 18.27 6.07 12.20
CA CYS A 234 16.99 6.71 12.00
C CYS A 234 16.23 6.72 13.32
N THR A 235 15.22 7.57 13.40
CA THR A 235 14.33 7.61 14.54
C THR A 235 12.98 7.13 14.04
N VAL A 236 12.34 6.30 14.85
CA VAL A 236 11.05 5.73 14.49
C VAL A 236 10.04 6.20 15.52
N LEU A 237 8.89 6.70 15.06
CA LEU A 237 7.81 7.12 15.94
C LEU A 237 6.52 6.42 15.50
N GLN A 238 5.84 5.81 16.47
CA GLN A 238 4.59 5.10 16.26
C GLN A 238 3.42 6.01 16.68
N MET A 239 2.45 6.21 15.78
N MET A 239 2.41 6.11 15.83
CA MET A 239 1.21 6.94 16.10
CA MET A 239 1.23 6.90 16.13
C MET A 239 0.04 6.01 15.79
C MET A 239 0.02 6.04 15.78
N ASP A 240 -0.72 5.66 16.82
CA ASP A 240 -1.82 4.73 16.65
C ASP A 240 -3.05 5.42 16.13
N TYR A 241 -3.77 4.72 15.24
CA TYR A 241 -5.17 5.06 15.00
C TYR A 241 -6.01 4.44 16.10
N SER A 242 -7.30 4.81 16.17
CA SER A 242 -8.13 4.38 17.29
C SER A 242 -8.53 2.90 17.21
N LYS A 243 -8.47 2.34 15.99
CA LYS A 243 -8.84 0.96 15.75
C LYS A 243 -7.88 0.30 14.77
N ASN A 244 -7.31 -0.82 15.21
CA ASN A 244 -6.56 -1.76 14.36
C ASN A 244 -5.28 -1.28 13.73
N ALA A 245 -5.20 -0.02 13.33
CA ALA A 245 -4.13 0.42 12.48
C ALA A 245 -3.22 1.39 13.21
N LEU A 246 -2.01 1.54 12.69
CA LEU A 246 -1.03 2.46 13.24
C LEU A 246 -0.09 2.97 12.16
N ALA A 247 0.47 4.13 12.41
CA ALA A 247 1.46 4.72 11.52
C ALA A 247 2.83 4.63 12.14
N LEU A 248 3.83 4.27 11.33
CA LEU A 248 5.23 4.44 11.69
C LEU A 248 5.85 5.51 10.81
N PHE A 249 6.43 6.53 11.45
CA PHE A 249 7.19 7.56 10.78
C PHE A 249 8.66 7.21 10.99
N VAL A 250 9.39 7.08 9.88
CA VAL A 250 10.79 6.67 9.92
C VAL A 250 11.63 7.85 9.43
N LEU A 251 12.34 8.48 10.37
CA LEU A 251 13.09 9.72 10.10
C LEU A 251 14.58 9.44 10.06
N PRO A 252 15.17 9.36 8.85
CA PRO A 252 16.61 9.11 8.76
C PRO A 252 17.43 10.30 9.25
N LYS A 253 18.57 10.00 9.84
CA LYS A 253 19.57 11.02 10.08
C LYS A 253 20.04 11.61 8.75
N GLU A 254 20.68 12.77 8.85
CA GLU A 254 21.24 13.46 7.70
C GLU A 254 22.00 12.52 6.77
N GLY A 255 21.56 12.47 5.51
CA GLY A 255 22.22 11.67 4.49
C GLY A 255 22.04 10.17 4.61
N GLN A 256 21.14 9.74 5.48
CA GLN A 256 20.98 8.32 5.75
C GLN A 256 19.74 7.67 5.09
N MET A 257 19.02 8.40 4.25
CA MET A 257 17.81 7.80 3.64
C MET A 257 18.16 6.52 2.87
N GLU A 258 19.22 6.55 2.08
CA GLU A 258 19.58 5.39 1.25
C GLU A 258 19.88 4.15 2.08
N SER A 259 20.63 4.31 3.16
CA SER A 259 20.97 3.17 4.03
C SER A 259 19.70 2.62 4.72
N VAL A 260 18.79 3.52 5.12
CA VAL A 260 17.52 3.09 5.72
C VAL A 260 16.71 2.26 4.71
N GLU A 261 16.54 2.81 3.51
CA GLU A 261 15.82 2.10 2.43
C GLU A 261 16.41 0.71 2.17
N ALA A 262 17.74 0.61 2.15
CA ALA A 262 18.38 -0.67 1.88
C ALA A 262 18.11 -1.68 2.98
N ALA A 263 17.93 -1.20 4.21
CA ALA A 263 17.79 -2.07 5.39
C ALA A 263 16.37 -2.53 5.67
N MET A 264 15.37 -1.86 5.14
CA MET A 264 14.00 -2.18 5.51
C MET A 264 13.65 -3.62 5.12
N SER A 265 13.10 -4.36 6.06
CA SER A 265 12.76 -5.76 5.85
C SER A 265 11.84 -6.19 6.98
N SER A 266 11.26 -7.39 6.85
CA SER A 266 10.45 -7.94 7.92
C SER A 266 11.29 -8.11 9.19
N LYS A 267 12.59 -8.43 9.03
CA LYS A 267 13.49 -8.50 10.19
C LYS A 267 13.61 -7.16 10.92
N THR A 268 13.69 -6.07 10.16
CA THR A 268 13.74 -4.75 10.79
C THR A 268 12.48 -4.44 11.57
N LEU A 269 11.32 -4.80 11.03
CA LEU A 269 10.07 -4.58 11.75
C LEU A 269 10.03 -5.39 13.02
N LYS A 270 10.48 -6.64 12.99
CA LYS A 270 10.56 -7.42 14.21
C LYS A 270 11.45 -6.77 15.26
N LYS A 271 12.60 -6.25 14.81
CA LYS A 271 13.54 -5.58 15.72
C LYS A 271 12.87 -4.38 16.39
N TRP A 272 12.23 -3.55 15.57
CA TRP A 272 11.57 -2.37 16.10
C TRP A 272 10.41 -2.75 17.03
N ASN A 273 9.68 -3.81 16.73
CA ASN A 273 8.57 -4.23 17.57
C ASN A 273 9.04 -4.49 19.00
N ARG A 274 10.24 -5.05 19.12
CA ARG A 274 10.82 -5.35 20.41
C ARG A 274 11.38 -4.10 21.07
N LEU A 275 11.96 -3.20 20.29
CA LEU A 275 12.74 -2.08 20.87
C LEU A 275 11.99 -0.79 21.10
N LEU A 276 10.86 -0.60 20.42
CA LEU A 276 10.04 0.59 20.65
C LEU A 276 9.70 0.72 22.12
N GLN A 277 9.90 1.92 22.68
CA GLN A 277 9.53 2.19 24.07
C GLN A 277 8.69 3.45 24.15
N LYS A 278 7.82 3.51 25.13
CA LYS A 278 6.87 4.62 25.27
C LYS A 278 7.48 5.70 26.15
N GLY A 279 7.27 6.95 25.74
CA GLY A 279 7.62 8.10 26.56
C GLY A 279 7.06 9.38 25.98
N TRP A 280 7.14 10.46 26.78
CA TRP A 280 6.69 11.76 26.34
C TRP A 280 7.53 12.25 25.17
N VAL A 281 6.86 12.78 24.17
CA VAL A 281 7.51 13.37 23.01
C VAL A 281 6.76 14.67 22.70
N ASP A 282 7.52 15.74 22.49
CA ASP A 282 7.00 16.98 21.97
C ASP A 282 7.05 16.83 20.47
N LEU A 283 5.92 16.46 19.88
CA LEU A 283 5.85 15.98 18.50
C LEU A 283 5.33 16.99 17.50
N PHE A 284 6.06 17.14 16.39
CA PHE A 284 5.67 18.00 15.28
C PHE A 284 5.58 17.13 14.03
N VAL A 285 4.39 17.06 13.44
CA VAL A 285 4.11 16.21 12.26
C VAL A 285 3.43 17.09 11.20
N PRO A 286 3.89 17.03 9.93
CA PRO A 286 3.29 17.83 8.88
C PRO A 286 1.87 17.38 8.57
N LYS A 287 1.00 18.34 8.28
CA LYS A 287 -0.32 18.04 7.77
C LYS A 287 -0.20 18.03 6.24
N PHE A 288 -0.57 16.93 5.59
CA PHE A 288 -0.34 16.80 4.16
C PHE A 288 -1.11 15.63 3.62
N SER A 289 -1.12 15.55 2.31
CA SER A 289 -1.67 14.39 1.61
C SER A 289 -0.61 13.92 0.64
N ILE A 290 -0.61 12.62 0.36
CA ILE A 290 0.30 12.04 -0.60
C ILE A 290 -0.49 11.11 -1.54
N SER A 291 -0.04 11.05 -2.79
N SER A 291 -0.02 11.02 -2.79
CA SER A 291 -0.58 10.11 -3.73
CA SER A 291 -0.69 10.26 -3.83
C SER A 291 0.51 9.66 -4.66
C SER A 291 0.34 9.80 -4.85
N ALA A 292 0.30 8.52 -5.28
CA ALA A 292 1.17 8.03 -6.34
C ALA A 292 0.42 7.01 -7.16
N THR A 293 0.77 6.94 -8.44
CA THR A 293 0.13 6.12 -9.43
C THR A 293 1.18 5.25 -10.11
N TYR A 294 0.87 3.98 -10.32
CA TYR A 294 1.84 3.04 -10.89
C TYR A 294 1.24 2.19 -11.98
N ASP A 295 2.03 1.94 -13.02
CA ASP A 295 1.85 0.76 -13.85
C ASP A 295 2.92 -0.21 -13.38
N LEU A 296 2.48 -1.30 -12.77
CA LEU A 296 3.38 -2.21 -12.07
C LEU A 296 4.13 -3.19 -12.96
N GLY A 297 3.79 -3.27 -14.25
CA GLY A 297 4.35 -4.29 -15.13
C GLY A 297 5.86 -4.34 -15.23
N ALA A 298 6.46 -3.17 -15.44
CA ALA A 298 7.91 -3.03 -15.50
C ALA A 298 8.58 -3.72 -14.33
N THR A 299 8.23 -3.30 -13.11
CA THR A 299 8.86 -3.82 -11.90
C THR A 299 8.52 -5.29 -11.73
N LEU A 300 7.26 -5.66 -11.94
CA LEU A 300 6.83 -7.04 -11.64
C LEU A 300 7.52 -8.00 -12.58
N LEU A 301 7.70 -7.60 -13.83
CA LEU A 301 8.39 -8.45 -14.78
C LEU A 301 9.85 -8.68 -14.37
N LYS A 302 10.55 -7.61 -13.97
CA LYS A 302 11.91 -7.71 -13.44
C LYS A 302 11.99 -8.59 -12.21
N MET A 303 10.97 -8.49 -11.36
CA MET A 303 10.95 -9.27 -10.12
C MET A 303 10.64 -10.74 -10.38
N GLY A 304 10.17 -11.07 -11.59
CA GLY A 304 9.97 -12.47 -11.97
C GLY A 304 8.64 -12.89 -12.59
N ILE A 305 7.68 -11.98 -12.71
CA ILE A 305 6.42 -12.32 -13.34
C ILE A 305 6.54 -12.09 -14.85
N GLN A 306 6.79 -13.18 -15.57
CA GLN A 306 7.05 -13.10 -17.02
C GLN A 306 6.00 -13.77 -17.89
N HIS A 307 5.67 -15.02 -17.59
CA HIS A 307 4.73 -15.76 -18.40
C HIS A 307 3.37 -15.08 -18.53
N ALA A 308 2.88 -14.49 -17.44
CA ALA A 308 1.56 -13.85 -17.44
C ALA A 308 1.43 -12.75 -18.51
N TYR A 309 2.56 -12.10 -18.83
CA TYR A 309 2.60 -11.01 -19.81
C TYR A 309 2.83 -11.50 -21.24
N SER A 310 3.18 -12.77 -21.40
CA SER A 310 3.59 -13.26 -22.72
C SER A 310 2.48 -13.92 -23.49
N GLU A 311 2.74 -14.17 -24.77
CA GLU A 311 1.83 -14.91 -25.62
C GLU A 311 1.63 -16.37 -25.16
N ASN A 312 2.57 -16.89 -24.35
N ASN A 312 2.55 -16.88 -24.33
CA ASN A 312 2.46 -18.25 -23.79
CA ASN A 312 2.43 -18.22 -23.81
C ASN A 312 1.81 -18.30 -22.41
C ASN A 312 1.91 -18.26 -22.37
N ALA A 313 1.25 -17.18 -21.95
CA ALA A 313 0.59 -17.16 -20.63
C ALA A 313 -0.37 -18.33 -20.51
N ASP A 314 -0.36 -19.00 -19.37
CA ASP A 314 -1.31 -20.06 -19.10
C ASP A 314 -2.32 -19.56 -18.09
N PHE A 315 -3.46 -19.12 -18.62
CA PHE A 315 -4.63 -18.69 -17.84
C PHE A 315 -5.79 -19.66 -18.08
N SER A 316 -5.47 -20.95 -18.16
N SER A 316 -5.49 -20.95 -18.16
CA SER A 316 -6.49 -21.96 -18.41
CA SER A 316 -6.52 -21.95 -18.43
C SER A 316 -7.50 -22.08 -17.28
C SER A 316 -7.44 -22.20 -17.24
N GLY A 317 -7.12 -21.64 -16.07
CA GLY A 317 -8.06 -21.59 -14.96
C GLY A 317 -9.02 -20.41 -15.04
N LEU A 318 -8.76 -19.48 -15.95
CA LEU A 318 -9.51 -18.24 -16.09
C LEU A 318 -10.45 -18.32 -17.31
N THR A 319 -9.95 -18.91 -18.39
CA THR A 319 -10.72 -18.98 -19.63
C THR A 319 -10.31 -20.20 -20.45
N GLU A 320 -11.25 -20.70 -21.25
CA GLU A 320 -10.96 -21.74 -22.25
C GLU A 320 -10.53 -21.10 -23.57
N ASP A 321 -10.79 -19.81 -23.73
CA ASP A 321 -10.43 -19.09 -24.95
C ASP A 321 -8.94 -18.89 -25.07
N ASN A 322 -8.43 -18.88 -26.30
CA ASN A 322 -7.03 -18.62 -26.53
C ASN A 322 -6.79 -17.11 -26.58
N GLY A 323 -5.58 -16.72 -26.19
CA GLY A 323 -5.09 -15.36 -26.37
C GLY A 323 -5.19 -14.46 -25.14
N LEU A 324 -5.50 -15.03 -23.98
CA LEU A 324 -5.57 -14.20 -22.77
C LEU A 324 -4.18 -14.06 -22.18
N LYS A 325 -3.78 -12.83 -21.93
CA LYS A 325 -2.56 -12.53 -21.20
C LYS A 325 -2.75 -11.22 -20.46
N LEU A 326 -1.90 -10.97 -19.47
CA LEU A 326 -1.96 -9.72 -18.74
C LEU A 326 -1.30 -8.62 -19.55
N SER A 327 -1.98 -7.48 -19.67
CA SER A 327 -1.43 -6.32 -20.37
C SER A 327 -0.88 -5.28 -19.42
N ASN A 328 -1.65 -4.97 -18.37
CA ASN A 328 -1.33 -3.91 -17.43
C ASN A 328 -1.84 -4.27 -16.04
N ALA A 329 -1.05 -3.92 -15.04
CA ALA A 329 -1.48 -4.00 -13.65
C ALA A 329 -1.29 -2.61 -13.09
N ALA A 330 -2.40 -1.94 -12.78
CA ALA A 330 -2.39 -0.54 -12.37
C ALA A 330 -2.80 -0.37 -10.92
N HIS A 331 -2.20 0.61 -10.26
CA HIS A 331 -2.48 0.88 -8.84
C HIS A 331 -2.25 2.36 -8.56
N LYS A 332 -3.12 2.93 -7.73
CA LYS A 332 -2.96 4.28 -7.19
C LYS A 332 -3.32 4.22 -5.72
N ALA A 333 -2.55 4.94 -4.90
CA ALA A 333 -2.79 5.03 -3.46
C ALA A 333 -2.74 6.49 -3.06
N VAL A 334 -3.63 6.87 -2.16
CA VAL A 334 -3.71 8.22 -1.62
C VAL A 334 -3.93 8.12 -0.11
N LEU A 335 -3.44 9.12 0.64
CA LEU A 335 -3.66 9.17 2.08
C LEU A 335 -3.51 10.62 2.52
N HIS A 336 -4.35 11.03 3.47
CA HIS A 336 -4.25 12.30 4.15
C HIS A 336 -3.84 12.07 5.59
N ILE A 337 -2.94 12.92 6.06
CA ILE A 337 -2.53 12.99 7.45
C ILE A 337 -2.91 14.39 7.96
N GLY A 338 -3.89 14.45 8.86
CA GLY A 338 -4.38 15.73 9.42
C GLY A 338 -4.64 15.58 10.91
N GLU A 339 -5.27 16.59 11.52
CA GLU A 339 -5.39 16.58 12.96
C GLU A 339 -6.23 15.42 13.49
N LYS A 340 -7.29 15.06 12.78
CA LYS A 340 -8.19 14.02 13.25
C LYS A 340 -7.70 12.61 12.87
N GLY A 341 -7.03 12.52 11.74
CA GLY A 341 -6.71 11.22 11.16
C GLY A 341 -6.59 11.35 9.66
N THR A 342 -7.36 10.54 8.94
CA THR A 342 -7.37 10.54 7.48
C THR A 342 -8.35 11.55 6.90
N GLU A 343 -9.30 12.02 7.72
CA GLU A 343 -10.42 12.85 7.25
C GLU A 343 -10.28 14.28 7.73
N ALA A 344 -10.61 15.22 6.85
CA ALA A 344 -10.65 16.63 7.20
C ALA A 344 -11.98 16.90 7.88
N ALA A 345 -12.04 16.53 9.15
CA ALA A 345 -13.25 16.69 9.95
C ALA A 345 -12.85 17.28 11.30
N ALA A 346 -13.83 17.86 11.98
CA ALA A 346 -13.58 18.51 13.26
C ALA A 346 -13.15 17.52 14.34
N VAL A 347 -12.30 18.00 15.25
CA VAL A 347 -11.83 17.27 16.43
C VAL A 347 -12.61 17.78 17.65
N PRO A 348 -13.54 16.97 18.17
CA PRO A 348 -14.28 17.47 19.35
C PRO A 348 -13.38 17.80 20.55
N GLU A 349 -13.73 18.88 21.24
CA GLU A 349 -12.99 19.36 22.38
C GLU A 349 -12.70 18.28 23.44
N VAL A 350 -13.70 17.44 23.71
CA VAL A 350 -13.56 16.36 24.72
C VAL A 350 -12.43 15.38 24.38
N GLU A 351 -12.22 15.16 23.08
CA GLU A 351 -11.24 14.19 22.61
C GLU A 351 -9.79 14.64 22.74
N LEU A 352 -9.59 15.90 23.11
CA LEU A 352 -8.27 16.43 23.41
C LEU A 352 -8.03 16.29 24.92
N THR A 359 4.78 18.96 33.18
CA THR A 359 5.36 20.12 32.50
C THR A 359 6.89 20.01 32.45
N PHE A 360 7.39 18.79 32.60
CA PHE A 360 8.84 18.53 32.60
C PHE A 360 9.34 18.68 31.19
N LEU A 361 10.65 18.80 31.02
CA LEU A 361 11.19 18.94 29.68
C LEU A 361 11.16 17.60 28.96
N HIS A 362 10.55 17.58 27.77
CA HIS A 362 10.40 16.35 26.98
C HIS A 362 11.12 16.48 25.64
N PRO A 363 11.63 15.36 25.11
CA PRO A 363 12.37 15.43 23.85
C PRO A 363 11.45 15.78 22.68
N ILE A 364 12.02 16.44 21.69
CA ILE A 364 11.31 16.84 20.48
C ILE A 364 11.59 15.81 19.39
N ILE A 365 10.54 15.44 18.66
CA ILE A 365 10.69 14.79 17.38
C ILE A 365 9.98 15.73 16.41
N GLN A 366 10.72 16.22 15.43
CA GLN A 366 10.22 17.18 14.48
C GLN A 366 10.39 16.60 13.08
N ILE A 367 9.27 16.25 12.46
N ILE A 367 9.27 16.25 12.46
CA ILE A 367 9.28 15.66 11.13
CA ILE A 367 9.30 15.66 11.12
C ILE A 367 9.27 16.79 10.09
C ILE A 367 9.27 16.79 10.08
N ASP A 368 10.44 17.38 9.87
CA ASP A 368 10.60 18.57 9.02
C ASP A 368 11.57 18.33 7.86
N ARG A 369 11.73 17.07 7.48
N ARG A 369 11.57 17.10 7.38
CA ARG A 369 12.52 16.70 6.33
CA ARG A 369 12.62 16.53 6.55
C ARG A 369 12.09 15.31 5.89
C ARG A 369 12.08 15.26 5.91
N SER A 370 12.50 14.94 4.70
CA SER A 370 12.05 13.72 4.01
C SER A 370 12.06 12.48 4.93
N PHE A 371 10.97 11.70 4.87
CA PHE A 371 10.83 10.55 5.77
C PHE A 371 10.11 9.42 5.07
N MET A 372 10.28 8.22 5.62
CA MET A 372 9.50 7.05 5.20
C MET A 372 8.28 6.88 6.11
N LEU A 373 7.21 6.35 5.53
CA LEU A 373 5.93 6.18 6.21
C LEU A 373 5.39 4.78 5.98
N LEU A 374 4.98 4.12 7.07
CA LEU A 374 4.30 2.81 7.00
C LEU A 374 2.98 2.95 7.72
N ILE A 375 1.90 2.43 7.13
CA ILE A 375 0.64 2.26 7.83
C ILE A 375 0.42 0.75 7.93
N LEU A 376 0.34 0.28 9.18
CA LEU A 376 0.25 -1.14 9.48
C LEU A 376 -1.09 -1.50 10.11
N GLU A 377 -1.53 -2.72 9.90
CA GLU A 377 -2.78 -3.21 10.45
C GLU A 377 -2.39 -4.31 11.41
N ARG A 378 -2.87 -4.21 12.65
CA ARG A 378 -2.45 -5.03 13.75
C ARG A 378 -2.89 -6.49 13.76
N SER A 379 -4.16 -6.75 13.41
CA SER A 379 -4.72 -8.09 13.56
C SER A 379 -4.10 -9.08 12.59
N THR A 380 -3.64 -8.58 11.46
CA THR A 380 -3.08 -9.45 10.42
C THR A 380 -1.61 -9.14 10.13
N ARG A 381 -1.06 -8.09 10.73
CA ARG A 381 0.31 -7.60 10.48
C ARG A 381 0.53 -7.31 9.00
N SER A 382 -0.45 -6.67 8.38
CA SER A 382 -0.34 -6.27 6.96
C SER A 382 0.14 -4.84 6.86
N ILE A 383 0.85 -4.55 5.78
CA ILE A 383 1.25 -3.18 5.48
C ILE A 383 0.19 -2.63 4.52
N LEU A 384 -0.66 -1.76 5.07
CA LEU A 384 -1.72 -1.10 4.31
C LEU A 384 -1.15 -0.09 3.33
N PHE A 385 -0.14 0.67 3.77
CA PHE A 385 0.52 1.68 2.95
C PHE A 385 2.00 1.73 3.29
N LEU A 386 2.82 1.96 2.28
CA LEU A 386 4.25 2.13 2.44
C LEU A 386 4.69 3.22 1.48
N GLY A 387 5.54 4.11 1.96
CA GLY A 387 6.11 5.10 1.05
C GLY A 387 7.19 5.97 1.63
N LYS A 388 7.61 6.91 0.79
CA LYS A 388 8.61 7.89 1.11
C LYS A 388 8.02 9.23 0.76
N VAL A 389 7.99 10.10 1.75
CA VAL A 389 7.54 11.47 1.58
C VAL A 389 8.81 12.30 1.38
N VAL A 390 9.18 12.51 0.12
CA VAL A 390 10.32 13.40 -0.19
C VAL A 390 9.83 14.83 -0.05
N ASN A 391 8.68 15.10 -0.65
CA ASN A 391 8.07 16.43 -0.65
C ASN A 391 6.57 16.32 -0.35
N PRO A 392 6.15 16.76 0.84
CA PRO A 392 4.75 16.64 1.22
C PRO A 392 3.78 17.57 0.51
N THR A 393 4.30 18.50 -0.29
CA THR A 393 3.46 19.47 -0.98
C THR A 393 3.39 19.16 -2.48
N GLU A 394 3.32 17.88 -2.82
CA GLU A 394 3.18 17.40 -4.21
C GLU A 394 3.58 18.42 -5.27
#